data_5X4M
#
_entry.id   5X4M
#
_cell.length_a   66.425
_cell.length_b   66.425
_cell.length_c   152.192
_cell.angle_alpha   90.00
_cell.angle_beta   90.00
_cell.angle_gamma   120.00
#
_symmetry.space_group_name_H-M   'P 61 2 2'
#
loop_
_entity.id
_entity.type
_entity.pdbx_description
1 polymer 'B-cell lymphoma 6 protein'
2 non-polymer N-phenyl-1,3,5-triazine-2,4-diamine
3 water water
#
_entity_poly.entity_id   1
_entity_poly.type   'polypeptide(L)'
_entity_poly.pdbx_seq_one_letter_code
;LDYKDDDDKENLYFQGADSCIQFTRHASDVLLNLNRLRSRDILTDVVIVVSREQFRAHKTVLMACSGLFYSIFTDQLKCN
LSVINLDPEINPEGFCILLDFMYTSRLNLREGNIMAVMATAMYLQMEHVVDTCRKFIKASE
;
_entity_poly.pdbx_strand_id   A
#
loop_
_chem_comp.id
_chem_comp.type
_chem_comp.name
_chem_comp.formula
7ZF non-polymer N-phenyl-1,3,5-triazine-2,4-diamine 'C9 H9 N5'
#
# COMPACT_ATOMS: atom_id res chain seq x y z
N ASN A 11 -15.45 10.35 19.08
CA ASN A 11 -16.04 9.37 18.13
C ASN A 11 -15.72 7.96 18.64
N LEU A 12 -16.60 7.47 19.50
CA LEU A 12 -16.48 6.12 20.04
C LEU A 12 -17.84 5.45 20.10
N TYR A 13 -17.84 4.12 20.16
CA TYR A 13 -19.08 3.33 20.21
C TYR A 13 -18.85 2.01 20.87
N PHE A 14 -19.92 1.29 21.24
CA PHE A 14 -19.76 -0.05 21.83
C PHE A 14 -19.94 -1.17 20.80
N GLN A 15 -19.30 -2.32 21.05
CA GLN A 15 -19.44 -3.49 20.16
C GLN A 15 -19.11 -4.85 20.77
N GLY A 16 -19.80 -5.90 20.29
CA GLY A 16 -19.50 -7.30 20.65
C GLY A 16 -20.08 -7.78 21.97
N ALA A 17 -19.88 -9.07 22.26
CA ALA A 17 -20.43 -9.72 23.47
C ALA A 17 -19.98 -9.06 24.79
N ASP A 18 -18.77 -8.50 24.80
CA ASP A 18 -18.20 -7.79 25.97
C ASP A 18 -18.38 -6.25 25.95
N SER A 19 -19.20 -5.73 25.02
CA SER A 19 -19.37 -4.28 24.81
C SER A 19 -18.07 -3.47 24.99
N CYS A 20 -17.03 -3.90 24.29
CA CYS A 20 -15.75 -3.18 24.22
C CYS A 20 -15.91 -1.82 23.53
N ILE A 21 -15.18 -0.79 23.97
CA ILE A 21 -15.25 0.53 23.37
C ILE A 21 -14.40 0.55 22.10
N GLN A 22 -14.99 0.98 20.99
CA GLN A 22 -14.26 1.12 19.73
CA GLN A 22 -14.28 1.10 19.70
C GLN A 22 -14.14 2.58 19.36
N PHE A 23 -12.95 2.98 18.89
CA PHE A 23 -12.70 4.35 18.49
C PHE A 23 -12.80 4.39 16.97
N THR A 24 -13.82 5.09 16.48
CA THR A 24 -14.19 5.11 15.07
C THR A 24 -13.05 5.54 14.18
N ARG A 25 -12.32 6.58 14.59
CA ARG A 25 -11.28 7.14 13.73
C ARG A 25 -9.89 6.58 14.02
N HIS A 26 -9.76 5.62 14.93
CA HIS A 26 -8.42 5.20 15.36
C HIS A 26 -7.57 4.64 14.21
N ALA A 27 -8.10 3.68 13.45
CA ALA A 27 -7.33 3.06 12.39
C ALA A 27 -6.91 4.07 11.31
N SER A 28 -7.83 4.95 10.91
CA SER A 28 -7.50 6.01 9.95
C SER A 28 -6.53 7.04 10.50
N ASP A 29 -6.62 7.34 11.78
CA ASP A 29 -5.65 8.23 12.45
C ASP A 29 -4.25 7.61 12.48
N VAL A 30 -4.17 6.31 12.74
CA VAL A 30 -2.87 5.62 12.71
C VAL A 30 -2.27 5.74 11.30
N LEU A 31 -3.05 5.42 10.26
CA LEU A 31 -2.54 5.53 8.90
CA LEU A 31 -2.58 5.56 8.90
C LEU A 31 -2.12 6.96 8.58
N LEU A 32 -2.91 7.96 9.01
CA LEU A 32 -2.55 9.34 8.79
C LEU A 32 -1.19 9.64 9.41
N ASN A 33 -0.98 9.19 10.64
CA ASN A 33 0.30 9.39 11.30
C ASN A 33 1.43 8.61 10.67
N LEU A 34 1.18 7.39 10.19
CA LEU A 34 2.20 6.63 9.47
C LEU A 34 2.60 7.34 8.16
N ASN A 35 1.62 7.93 7.48
CA ASN A 35 1.89 8.65 6.26
C ASN A 35 2.69 9.91 6.57
N ARG A 36 2.42 10.54 7.71
CA ARG A 36 3.25 11.70 8.12
C ARG A 36 4.70 11.28 8.42
N LEU A 37 4.88 10.12 9.05
CA LEU A 37 6.24 9.60 9.21
C LEU A 37 6.92 9.44 7.87
N ARG A 38 6.20 8.85 6.90
CA ARG A 38 6.76 8.64 5.59
C ARG A 38 7.16 9.95 4.93
N SER A 39 6.28 10.94 5.02
CA SER A 39 6.53 12.27 4.44
CA SER A 39 6.53 12.28 4.44
C SER A 39 7.79 12.93 5.03
N ARG A 40 8.01 12.72 6.31
CA ARG A 40 9.17 13.28 7.02
C ARG A 40 10.37 12.34 7.09
N ASP A 41 10.28 11.18 6.45
CA ASP A 41 11.35 10.18 6.42
C ASP A 41 11.77 9.72 7.80
N ILE A 42 10.79 9.53 8.68
CA ILE A 42 11.02 9.09 10.04
C ILE A 42 10.81 7.59 10.11
N LEU A 43 11.83 6.89 10.55
CA LEU A 43 11.82 5.44 10.73
C LEU A 43 11.56 4.64 9.45
N THR A 44 11.70 5.26 8.28
CA THR A 44 11.62 4.49 7.04
C THR A 44 12.79 3.53 7.00
N ASP A 45 12.55 2.31 6.55
CA ASP A 45 13.54 1.26 6.64
C ASP A 45 13.77 0.51 5.32
N VAL A 46 13.21 1.01 4.23
CA VAL A 46 13.43 0.40 2.93
C VAL A 46 13.25 1.46 1.87
N VAL A 47 14.01 1.32 0.78
CA VAL A 47 13.84 2.12 -0.44
C VAL A 47 13.36 1.13 -1.49
N ILE A 48 12.25 1.45 -2.15
CA ILE A 48 11.77 0.69 -3.29
C ILE A 48 12.19 1.42 -4.57
N VAL A 49 12.86 0.72 -5.47
CA VAL A 49 13.34 1.32 -6.73
C VAL A 49 12.46 0.83 -7.87
N VAL A 50 11.89 1.79 -8.61
CA VAL A 50 10.95 1.52 -9.69
C VAL A 50 11.36 2.41 -10.87
N SER A 51 11.86 1.79 -11.92
CA SER A 51 12.18 2.51 -13.18
C SER A 51 13.18 3.64 -12.88
N ARG A 52 14.21 3.33 -12.09
CA ARG A 52 15.20 4.32 -11.60
C ARG A 52 14.64 5.45 -10.70
N GLU A 53 13.42 5.34 -10.20
CA GLU A 53 12.89 6.28 -9.20
C GLU A 53 12.87 5.55 -7.86
N GLN A 54 13.12 6.29 -6.79
CA GLN A 54 13.22 5.70 -5.44
C GLN A 54 12.09 6.17 -4.56
N PHE A 55 11.52 5.24 -3.79
CA PHE A 55 10.43 5.54 -2.88
C PHE A 55 10.79 4.99 -1.49
N ARG A 56 10.84 5.86 -0.48
CA ARG A 56 11.14 5.43 0.88
C ARG A 56 9.83 5.02 1.57
N ALA A 57 9.88 3.95 2.37
CA ALA A 57 8.68 3.42 3.01
C ALA A 57 9.02 2.63 4.26
N HIS A 58 7.97 2.13 4.90
CA HIS A 58 8.08 1.29 6.08
C HIS A 58 7.71 -0.14 5.67
N LYS A 59 8.61 -1.09 5.92
CA LYS A 59 8.38 -2.49 5.55
C LYS A 59 7.08 -3.03 6.10
N THR A 60 6.77 -2.69 7.36
CA THR A 60 5.55 -3.21 7.99
C THR A 60 4.29 -2.78 7.26
N VAL A 61 4.22 -1.53 6.79
CA VAL A 61 3.06 -1.10 6.05
C VAL A 61 3.00 -1.82 4.71
N LEU A 62 4.15 -1.93 4.03
CA LEU A 62 4.17 -2.61 2.73
C LEU A 62 3.66 -4.04 2.86
N MET A 63 4.16 -4.76 3.87
CA MET A 63 3.77 -6.16 4.02
C MET A 63 2.34 -6.35 4.54
N ALA A 64 1.80 -5.34 5.21
CA ALA A 64 0.39 -5.35 5.60
C ALA A 64 -0.57 -5.20 4.42
N CYS A 65 -0.06 -4.71 3.28
CA CYS A 65 -0.90 -4.41 2.12
C CYS A 65 -0.65 -5.23 0.86
N SER A 66 0.50 -5.91 0.78
CA SER A 66 0.96 -6.53 -0.47
C SER A 66 1.49 -7.92 -0.23
N GLY A 67 0.98 -8.90 -0.97
CA GLY A 67 1.49 -10.27 -0.87
C GLY A 67 2.95 -10.40 -1.26
N LEU A 68 3.40 -9.62 -2.25
CA LEU A 68 4.77 -9.67 -2.69
C LEU A 68 5.66 -9.17 -1.58
N PHE A 69 5.32 -8.01 -0.99
CA PHE A 69 6.16 -7.51 0.09
C PHE A 69 6.10 -8.41 1.33
N TYR A 70 4.94 -8.99 1.61
CA TYR A 70 4.83 -9.98 2.70
C TYR A 70 5.80 -11.13 2.49
N SER A 71 5.85 -11.65 1.27
CA SER A 71 6.78 -12.73 0.92
C SER A 71 8.24 -12.31 1.14
N ILE A 72 8.58 -11.13 0.64
CA ILE A 72 9.96 -10.67 0.74
C ILE A 72 10.38 -10.48 2.19
N PHE A 73 9.58 -9.76 2.96
CA PHE A 73 10.00 -9.33 4.28
C PHE A 73 9.81 -10.40 5.37
N THR A 74 9.18 -11.52 5.02
CA THR A 74 9.18 -12.72 5.89
C THR A 74 10.20 -13.76 5.50
N ASP A 75 10.98 -13.50 4.47
CA ASP A 75 12.05 -14.39 4.07
C ASP A 75 13.30 -14.05 4.85
N GLN A 76 13.89 -15.07 5.50
CA GLN A 76 15.04 -14.87 6.38
C GLN A 76 16.21 -14.16 5.69
N LEU A 77 16.43 -14.48 4.43
CA LEU A 77 17.48 -13.86 3.65
C LEU A 77 17.10 -12.47 3.15
N LYS A 78 15.92 -12.36 2.55
CA LYS A 78 15.57 -11.12 1.86
C LYS A 78 15.17 -10.00 2.79
N CYS A 79 14.75 -10.34 4.00
CA CYS A 79 14.30 -9.31 4.94
C CYS A 79 15.42 -8.37 5.41
N ASN A 80 16.67 -8.74 5.15
CA ASN A 80 17.83 -7.91 5.49
C ASN A 80 18.17 -6.85 4.43
N LEU A 81 17.47 -6.82 3.31
CA LEU A 81 17.77 -5.83 2.28
C LEU A 81 17.12 -4.50 2.66
N SER A 82 17.85 -3.41 2.49
CA SER A 82 17.30 -2.08 2.68
C SER A 82 16.91 -1.44 1.35
N VAL A 83 17.27 -2.07 0.22
CA VAL A 83 16.85 -1.59 -1.10
C VAL A 83 16.20 -2.76 -1.84
N ILE A 84 15.01 -2.53 -2.39
CA ILE A 84 14.25 -3.57 -3.12
C ILE A 84 13.98 -2.99 -4.50
N ASN A 85 14.46 -3.66 -5.55
CA ASN A 85 14.17 -3.28 -6.93
C ASN A 85 12.96 -4.02 -7.42
N LEU A 86 12.04 -3.31 -8.07
CA LEU A 86 10.89 -3.92 -8.70
C LEU A 86 11.21 -4.20 -10.17
N ASP A 87 10.44 -5.10 -10.75
CA ASP A 87 10.46 -5.34 -12.20
C ASP A 87 10.55 -4.00 -12.93
N PRO A 88 11.57 -3.80 -13.79
CA PRO A 88 11.72 -2.50 -14.48
C PRO A 88 10.61 -2.16 -15.47
N GLU A 89 9.71 -3.08 -15.78
CA GLU A 89 8.53 -2.74 -16.56
C GLU A 89 7.39 -2.16 -15.75
N ILE A 90 7.51 -2.16 -14.42
CA ILE A 90 6.50 -1.57 -13.61
C ILE A 90 6.55 -0.08 -13.73
N ASN A 91 5.34 0.45 -13.82
CA ASN A 91 5.11 1.84 -13.98
C ASN A 91 5.23 2.54 -12.62
N PRO A 92 6.16 3.50 -12.49
CA PRO A 92 6.42 4.18 -11.23
C PRO A 92 5.27 5.05 -10.73
N GLU A 93 4.48 5.64 -11.65
CA GLU A 93 3.23 6.28 -11.27
C GLU A 93 2.25 5.27 -10.71
N GLY A 94 2.14 4.12 -11.35
CA GLY A 94 1.28 3.03 -10.87
C GLY A 94 1.70 2.65 -9.45
N PHE A 95 3.00 2.51 -9.25
CA PHE A 95 3.50 2.19 -7.91
C PHE A 95 3.20 3.28 -6.91
N CYS A 96 3.45 4.55 -7.28
CA CYS A 96 3.14 5.70 -6.41
C CYS A 96 1.66 5.76 -6.01
N ILE A 97 0.76 5.53 -6.95
CA ILE A 97 -0.67 5.46 -6.69
C ILE A 97 -0.99 4.38 -5.66
N LEU A 98 -0.38 3.21 -5.83
CA LEU A 98 -0.61 2.11 -4.89
C LEU A 98 0.04 2.33 -3.51
N LEU A 99 1.21 2.95 -3.49
CA LEU A 99 1.88 3.25 -2.22
C LEU A 99 1.08 4.27 -1.43
N ASP A 100 0.59 5.27 -2.14
CA ASP A 100 -0.28 6.28 -1.54
C ASP A 100 -1.55 5.65 -1.01
N PHE A 101 -2.14 4.74 -1.77
CA PHE A 101 -3.27 3.95 -1.29
C PHE A 101 -2.96 3.16 -0.02
N MET A 102 -1.81 2.51 0.02
CA MET A 102 -1.45 1.76 1.23
C MET A 102 -1.53 2.64 2.48
N TYR A 103 -1.04 3.87 2.35
CA TYR A 103 -0.93 4.79 3.50
C TYR A 103 -2.16 5.67 3.76
N THR A 104 -3.17 5.60 2.90
CA THR A 104 -4.32 6.54 2.95
C THR A 104 -5.72 5.94 2.78
N SER A 105 -5.81 4.73 2.22
CA SER A 105 -7.06 4.09 1.81
C SER A 105 -7.69 4.69 0.56
N ARG A 106 -7.03 5.66 -0.08
CA ARG A 106 -7.55 6.38 -1.22
C ARG A 106 -6.81 5.93 -2.47
N LEU A 107 -7.57 5.48 -3.47
CA LEU A 107 -6.99 4.96 -4.72
C LEU A 107 -7.39 5.90 -5.85
N ASN A 108 -6.42 6.59 -6.40
CA ASN A 108 -6.67 7.60 -7.42
C ASN A 108 -6.70 6.93 -8.80
N LEU A 109 -7.82 6.25 -9.07
CA LEU A 109 -8.02 5.48 -10.29
C LEU A 109 -8.64 6.41 -11.34
N ARG A 110 -8.06 6.40 -12.54
CA ARG A 110 -8.50 7.20 -13.66
C ARG A 110 -8.41 6.38 -14.95
N GLU A 111 -9.14 6.81 -15.98
CA GLU A 111 -9.08 6.16 -17.28
C GLU A 111 -7.66 6.00 -17.79
N GLY A 112 -6.86 7.04 -17.63
CA GLY A 112 -5.51 7.10 -18.14
C GLY A 112 -4.48 6.31 -17.34
N ASN A 113 -4.83 5.87 -16.14
CA ASN A 113 -3.89 5.10 -15.32
C ASN A 113 -4.37 3.70 -14.93
N ILE A 114 -5.63 3.34 -15.22
CA ILE A 114 -6.18 2.09 -14.68
C ILE A 114 -5.40 0.85 -15.12
N MET A 115 -5.02 0.78 -16.39
CA MET A 115 -4.28 -0.41 -16.85
C MET A 115 -2.94 -0.56 -16.13
N ALA A 116 -2.22 0.54 -15.96
CA ALA A 116 -0.93 0.55 -15.26
C ALA A 116 -1.12 0.19 -13.79
N VAL A 117 -2.13 0.80 -13.17
CA VAL A 117 -2.43 0.50 -11.78
C VAL A 117 -2.76 -0.99 -11.61
N MET A 118 -3.60 -1.53 -12.49
CA MET A 118 -4.00 -2.93 -12.35
C MET A 118 -2.80 -3.86 -12.49
N ALA A 119 -1.97 -3.62 -13.51
CA ALA A 119 -0.77 -4.43 -13.69
C ALA A 119 0.15 -4.39 -12.47
N THR A 120 0.33 -3.20 -11.91
CA THR A 120 1.17 -3.04 -10.73
C THR A 120 0.57 -3.78 -9.53
N ALA A 121 -0.74 -3.68 -9.36
CA ALA A 121 -1.42 -4.36 -8.24
C ALA A 121 -1.39 -5.89 -8.40
N MET A 122 -1.41 -6.37 -9.65
CA MET A 122 -1.19 -7.81 -9.87
C MET A 122 0.21 -8.23 -9.43
N TYR A 123 1.20 -7.50 -9.89
CA TYR A 123 2.59 -7.75 -9.55
C TYR A 123 2.80 -7.71 -8.03
N LEU A 124 2.19 -6.71 -7.38
CA LEU A 124 2.32 -6.57 -5.90
C LEU A 124 1.43 -7.51 -5.10
N GLN A 125 0.54 -8.25 -5.77
CA GLN A 125 -0.37 -9.18 -5.09
C GLN A 125 -1.29 -8.42 -4.12
N MET A 126 -1.98 -7.43 -4.66
CA MET A 126 -2.96 -6.60 -3.94
C MET A 126 -4.34 -6.92 -4.51
N GLU A 127 -4.88 -8.04 -4.02
CA GLU A 127 -6.05 -8.70 -4.65
C GLU A 127 -7.29 -7.82 -4.70
N HIS A 128 -7.59 -7.11 -3.60
CA HIS A 128 -8.77 -6.25 -3.57
C HIS A 128 -8.66 -5.12 -4.57
N VAL A 129 -7.48 -4.54 -4.74
CA VAL A 129 -7.31 -3.49 -5.75
C VAL A 129 -7.47 -4.08 -7.15
N VAL A 130 -6.88 -5.25 -7.40
CA VAL A 130 -7.03 -5.89 -8.73
C VAL A 130 -8.51 -6.11 -9.01
N ASP A 131 -9.24 -6.69 -8.07
CA ASP A 131 -10.68 -6.93 -8.27
C ASP A 131 -11.46 -5.64 -8.57
N THR A 132 -11.09 -4.55 -7.90
CA THR A 132 -11.71 -3.24 -8.15
C THR A 132 -11.39 -2.74 -9.56
N CYS A 133 -10.13 -2.83 -9.98
CA CYS A 133 -9.78 -2.42 -11.33
C CYS A 133 -10.57 -3.23 -12.36
N ARG A 134 -10.69 -4.53 -12.14
CA ARG A 134 -11.41 -5.41 -13.09
C ARG A 134 -12.87 -4.99 -13.20
N LYS A 135 -13.48 -4.68 -12.07
CA LYS A 135 -14.86 -4.23 -12.05
C LYS A 135 -15.05 -2.93 -12.80
N PHE A 136 -14.15 -1.96 -12.62
CA PHE A 136 -14.23 -0.71 -13.39
C PHE A 136 -14.01 -0.92 -14.89
N ILE A 137 -13.13 -1.87 -15.24
CA ILE A 137 -12.88 -2.15 -16.66
C ILE A 137 -14.12 -2.80 -17.28
N LYS A 138 -14.70 -3.78 -16.60
CA LYS A 138 -15.91 -4.45 -17.09
C LYS A 138 -17.05 -3.47 -17.32
N ALA A 139 -17.17 -2.48 -16.42
CA ALA A 139 -18.18 -1.42 -16.55
C ALA A 139 -18.07 -0.59 -17.83
N SER A 140 -16.85 -0.35 -18.31
CA SER A 140 -16.66 0.49 -19.48
C SER A 140 -16.58 -0.28 -20.80
N GLU A 141 -16.89 -1.58 -20.76
CA GLU A 141 -17.01 -2.39 -21.97
C GLU A 141 -18.43 -2.26 -22.53
C4 7ZF B . 0.51 10.78 18.59
C5 7ZF B . 2.14 12.54 18.50
C6 7ZF B . 2.19 13.40 14.45
C6 7ZF B . 3.25 10.96 13.46
C7 7ZF B . 1.58 11.37 17.97
C8 7ZF B . 2.94 11.54 13.48
C8 7ZF B . 2.73 13.05 14.12
N12 7ZF B . 2.75 10.79 14.58
N12 7ZF B . 2.34 12.60 15.31
C1 7ZF B . 0.53 12.49 20.24
C2 7ZF B . -0.03 11.34 19.73
C3 7ZF B . 1.61 13.09 19.63
C9 7ZF B . 2.27 11.46 15.62
C9 7ZF B . 2.45 11.29 15.56
N10 7ZF B . 2.68 12.84 13.35
N10 7ZF B . 3.19 12.25 13.14
N11 7ZF B . 1.98 12.78 15.60
N11 7ZF B . 2.91 10.41 14.64
N13 7ZF B . 3.46 10.90 12.40
N13 7ZF B . 2.61 14.44 13.90
N14 7ZF B . 2.08 10.75 16.81
#